data_9Q4D
#
_entry.id   9Q4D
#
_cell.length_a   83.021
_cell.length_b   83.021
_cell.length_c   56.840
_cell.angle_alpha   90.000
_cell.angle_beta   90.000
_cell.angle_gamma   120.000
#
_symmetry.space_group_name_H-M   'P 65'
#
loop_
_entity.id
_entity.type
_entity.pdbx_description
1 polymer 'Transcription factor ETV6,DARPin'
2 non-polymer 1,2-ETHANEDIOL
3 non-polymer 'CHLORIDE ION'
4 non-polymer 'POTASSIUM ION'
5 water water
#
_entity_poly.entity_id   1
_entity_poly.type   'polypeptide(L)'
_entity_poly.pdbx_seq_one_letter_code
;MGHHHHHHHHHHSIRLPAHLRLQPIYWSRDDVAQWLKWAENEFSLRPIDSNTFEMNGKALLELTKEDFRYRSPHSGDELY
ELLQHILLGKKLLEAARAGQDDEVRILMANGADVNATDNDGYTPLHLAASNGHLEIVEVLLKNGADVNASDLTGITPLHA
AAATGHLEIVEVLLKHGADVNAYDNDGHTPLHLAAKYGHLEIVEVLLKHGADVNAQDKFGKTAFDISIDNGNEDLAEILQ
KLN
;
_entity_poly.pdbx_strand_id   A
#
loop_
_chem_comp.id
_chem_comp.type
_chem_comp.name
_chem_comp.formula
CL non-polymer 'CHLORIDE ION' 'Cl -1'
EDO non-polymer 1,2-ETHANEDIOL 'C2 H6 O2'
K non-polymer 'POTASSIUM ION' 'K 1'
#
# COMPACT_ATOMS: atom_id res chain seq x y z
N LEU A 16 9.90 -6.07 -13.27
CA LEU A 16 9.86 -4.64 -12.80
C LEU A 16 11.29 -4.10 -12.66
N PRO A 17 11.56 -2.96 -13.30
CA PRO A 17 12.94 -2.44 -13.28
C PRO A 17 13.37 -1.99 -11.88
N ALA A 18 14.68 -2.05 -11.66
CA ALA A 18 15.22 -1.75 -10.34
C ALA A 18 14.73 -0.40 -9.80
N HIS A 19 14.79 0.64 -10.64
CA HIS A 19 14.49 1.98 -10.16
C HIS A 19 13.08 2.09 -9.60
N LEU A 20 12.16 1.22 -10.03
CA LEU A 20 10.82 1.23 -9.47
C LEU A 20 10.72 0.44 -8.17
N ARG A 21 11.78 -0.27 -7.78
CA ARG A 21 11.76 -1.12 -6.60
C ARG A 21 12.67 -0.60 -5.51
N LEU A 22 13.43 0.45 -5.78
CA LEU A 22 14.38 0.98 -4.82
C LEU A 22 14.09 2.45 -4.55
N GLN A 23 14.40 2.89 -3.35
CA GLN A 23 14.41 4.32 -3.08
C GLN A 23 15.58 4.95 -3.82
N PRO A 24 15.40 6.19 -4.28
CA PRO A 24 16.42 6.79 -5.17
C PRO A 24 17.81 6.88 -4.58
N ILE A 25 17.95 7.00 -3.26
CA ILE A 25 19.29 7.10 -2.70
C ILE A 25 20.11 5.86 -3.04
N TYR A 26 19.46 4.74 -3.38
CA TYR A 26 20.17 3.51 -3.72
C TYR A 26 20.29 3.30 -5.23
N TRP A 27 19.79 4.20 -6.05
CA TRP A 27 19.86 3.98 -7.49
C TRP A 27 21.30 4.06 -7.99
N SER A 28 21.68 3.11 -8.82
CA SER A 28 22.97 3.17 -9.47
C SER A 28 22.92 4.18 -10.63
N ARG A 29 24.09 4.41 -11.24
CA ARG A 29 24.15 5.20 -12.47
C ARG A 29 23.27 4.60 -13.56
N ASP A 30 23.26 3.28 -13.67
CA ASP A 30 22.41 2.67 -14.68
C ASP A 30 20.93 2.85 -14.34
N ASP A 31 20.59 2.75 -13.05
CA ASP A 31 19.21 2.96 -12.65
C ASP A 31 18.73 4.35 -13.04
N VAL A 32 19.57 5.37 -12.86
CA VAL A 32 19.22 6.74 -13.25
C VAL A 32 18.87 6.79 -14.73
N ALA A 33 19.70 6.16 -15.56
CA ALA A 33 19.43 6.19 -17.00
C ALA A 33 18.12 5.51 -17.32
N GLN A 34 17.85 4.37 -16.69
CA GLN A 34 16.61 3.66 -16.93
C GLN A 34 15.41 4.48 -16.47
N TRP A 35 15.54 5.16 -15.34
CA TRP A 35 14.46 5.98 -14.84
C TRP A 35 14.12 7.09 -15.83
N LEU A 36 15.13 7.74 -16.42
CA LEU A 36 14.85 8.80 -17.38
C LEU A 36 14.03 8.24 -18.54
N LYS A 37 14.41 7.07 -19.03
CA LYS A 37 13.69 6.50 -20.17
C LYS A 37 12.28 6.08 -19.77
N TRP A 38 12.14 5.53 -18.57
CA TRP A 38 10.82 5.17 -18.06
C TRP A 38 9.93 6.41 -17.93
N ALA A 39 10.48 7.50 -17.38
CA ALA A 39 9.71 8.72 -17.17
C ALA A 39 9.30 9.34 -18.49
N GLU A 40 10.17 9.32 -19.47
CA GLU A 40 9.84 9.85 -20.82
C GLU A 40 8.56 9.17 -21.29
N ASN A 41 8.47 7.86 -21.15
CA ASN A 41 7.28 7.18 -21.64
C ASN A 41 6.07 7.36 -20.72
N GLU A 42 6.28 7.29 -19.42
CA GLU A 42 5.17 7.35 -18.47
C GLU A 42 4.48 8.71 -18.49
N PHE A 43 5.26 9.78 -18.68
CA PHE A 43 4.80 11.15 -18.55
C PHE A 43 4.77 11.89 -19.87
N SER A 44 5.02 11.19 -20.98
CA SER A 44 4.94 11.74 -22.33
C SER A 44 5.84 12.96 -22.49
N LEU A 45 7.09 12.82 -22.05
CA LEU A 45 8.05 13.94 -22.03
C LEU A 45 8.85 13.99 -23.33
N ARG A 46 9.46 15.14 -23.59
CA ARG A 46 10.41 15.24 -24.69
C ARG A 46 11.55 14.25 -24.41
N PRO A 47 12.00 13.50 -25.40
CA PRO A 47 13.08 12.54 -25.14
C PRO A 47 14.32 13.29 -24.72
N ILE A 48 15.06 12.71 -23.80
CA ILE A 48 16.35 13.29 -23.44
C ILE A 48 17.42 12.23 -23.48
N ASP A 49 18.66 12.65 -23.66
CA ASP A 49 19.76 11.72 -23.76
C ASP A 49 19.92 11.01 -22.43
N SER A 50 20.26 9.73 -22.52
CA SER A 50 20.40 8.90 -21.34
C SER A 50 21.53 9.40 -20.45
N ASN A 51 22.45 10.21 -20.96
CA ASN A 51 23.55 10.76 -20.19
C ASN A 51 23.28 12.20 -19.74
N THR A 52 22.03 12.62 -19.68
CA THR A 52 21.72 13.97 -19.23
C THR A 52 22.10 14.17 -17.77
N PHE A 53 22.13 13.08 -17.02
CA PHE A 53 22.51 13.10 -15.60
C PHE A 53 23.53 11.99 -15.40
N GLU A 54 24.83 12.32 -15.57
CA GLU A 54 25.91 11.33 -15.48
C GLU A 54 26.30 11.20 -14.02
N MET A 55 25.48 10.44 -13.28
CA MET A 55 25.57 10.35 -11.84
C MET A 55 24.64 9.26 -11.33
N ASN A 56 24.75 8.95 -10.04
CA ASN A 56 23.87 7.99 -9.40
C ASN A 56 22.71 8.69 -8.69
N GLY A 57 21.86 7.90 -8.04
CA GLY A 57 20.67 8.47 -7.41
C GLY A 57 20.99 9.37 -6.25
N LYS A 58 21.96 8.99 -5.42
CA LYS A 58 22.39 9.85 -4.33
C LYS A 58 22.78 11.21 -4.87
N ALA A 59 23.42 11.25 -6.03
CA ALA A 59 23.78 12.52 -6.65
C ALA A 59 22.56 13.28 -7.15
N LEU A 60 21.63 12.59 -7.78
CA LEU A 60 20.42 13.29 -8.23
C LEU A 60 19.76 14.03 -7.08
N LEU A 61 19.75 13.43 -5.89
CA LEU A 61 19.07 14.04 -4.74
C LEU A 61 19.78 15.28 -4.24
N GLU A 62 21.02 15.53 -4.64
CA GLU A 62 21.71 16.75 -4.26
C GLU A 62 21.38 17.93 -5.15
N LEU A 63 20.93 17.69 -6.37
CA LEU A 63 20.69 18.78 -7.30
C LEU A 63 19.46 19.58 -6.92
N THR A 64 19.45 20.84 -7.33
CA THR A 64 18.28 21.69 -7.14
C THR A 64 17.37 21.59 -8.36
N LYS A 65 16.15 22.11 -8.20
CA LYS A 65 15.23 22.17 -9.33
C LYS A 65 15.83 22.97 -10.47
N GLU A 66 16.52 24.06 -10.15
CA GLU A 66 17.16 24.84 -11.19
C GLU A 66 18.21 24.02 -11.95
N ASP A 67 18.93 23.13 -11.25
CA ASP A 67 19.91 22.28 -11.93
C ASP A 67 19.22 21.30 -12.88
N PHE A 68 18.11 20.73 -12.45
CA PHE A 68 17.32 19.87 -13.32
C PHE A 68 16.86 20.63 -14.57
N ARG A 69 16.37 21.85 -14.39
CA ARG A 69 15.90 22.63 -15.53
C ARG A 69 17.05 22.98 -16.47
N TYR A 70 18.24 23.23 -15.92
CA TYR A 70 19.40 23.51 -16.76
C TYR A 70 19.74 22.30 -17.61
N ARG A 71 19.74 21.12 -16.98
CA ARG A 71 20.09 19.90 -17.70
C ARG A 71 18.99 19.45 -18.65
N SER A 72 17.73 19.70 -18.30
CA SER A 72 16.60 19.34 -19.16
C SER A 72 15.61 20.51 -19.20
N PRO A 73 15.78 21.42 -20.16
CA PRO A 73 14.84 22.55 -20.27
C PRO A 73 13.40 22.11 -20.45
N HIS A 74 13.15 21.01 -21.16
CA HIS A 74 11.77 20.61 -21.42
C HIS A 74 11.11 19.81 -20.30
N SER A 75 11.89 19.13 -19.46
N SER A 75 11.90 19.12 -19.47
CA SER A 75 11.31 18.19 -18.50
CA SER A 75 11.34 18.17 -18.51
C SER A 75 12.01 18.13 -17.15
C SER A 75 11.91 18.23 -17.12
N GLY A 76 12.96 19.02 -16.88
CA GLY A 76 13.66 18.95 -15.61
C GLY A 76 12.78 19.20 -14.41
N ASP A 77 11.90 20.19 -14.47
CA ASP A 77 11.03 20.44 -13.31
C ASP A 77 10.21 19.19 -12.97
N GLU A 78 9.66 18.53 -13.98
CA GLU A 78 8.87 17.32 -13.79
C GLU A 78 9.71 16.24 -13.14
N LEU A 79 10.91 16.01 -13.67
CA LEU A 79 11.80 14.99 -13.13
C LEU A 79 12.10 15.26 -11.67
N TYR A 80 12.44 16.51 -11.36
CA TYR A 80 12.73 16.85 -9.98
C TYR A 80 11.54 16.53 -9.07
N GLU A 81 10.34 16.92 -9.49
CA GLU A 81 9.16 16.69 -8.67
C GLU A 81 8.81 15.21 -8.58
N LEU A 82 9.04 14.43 -9.63
CA LEU A 82 8.84 12.99 -9.50
C LEU A 82 9.72 12.42 -8.39
N LEU A 83 10.97 12.87 -8.30
CA LEU A 83 11.82 12.36 -7.22
C LEU A 83 11.29 12.79 -5.87
N GLN A 84 10.87 14.05 -5.74
CA GLN A 84 10.34 14.49 -4.45
C GLN A 84 9.11 13.66 -4.07
N HIS A 85 8.27 13.33 -5.06
CA HIS A 85 7.09 12.50 -4.82
C HIS A 85 7.51 11.16 -4.22
N ILE A 86 8.53 10.53 -4.78
CA ILE A 86 8.99 9.25 -4.26
C ILE A 86 9.48 9.40 -2.82
N LEU A 87 10.28 10.44 -2.56
CA LEU A 87 10.87 10.61 -1.23
C LEU A 87 9.79 10.83 -0.19
N LEU A 88 8.88 11.77 -0.47
CA LEU A 88 7.80 12.04 0.48
C LEU A 88 6.90 10.82 0.64
N GLY A 89 6.65 10.09 -0.46
CA GLY A 89 5.81 8.91 -0.37
C GLY A 89 6.40 7.87 0.56
N LYS A 90 7.71 7.71 0.52
CA LYS A 90 8.39 6.74 1.37
C LYS A 90 8.38 7.18 2.83
N LYS A 91 8.59 8.47 3.08
CA LYS A 91 8.48 8.96 4.45
C LYS A 91 7.08 8.70 5.01
N LEU A 92 6.04 8.90 4.20
CA LEU A 92 4.67 8.69 4.67
C LEU A 92 4.40 7.22 4.92
N LEU A 93 4.83 6.34 3.99
CA LEU A 93 4.73 4.91 4.22
C LEU A 93 5.36 4.54 5.55
N GLU A 94 6.59 5.02 5.82
CA GLU A 94 7.30 4.63 7.03
C GLU A 94 6.65 5.23 8.28
N ALA A 95 6.17 6.47 8.20
CA ALA A 95 5.49 7.07 9.34
C ALA A 95 4.18 6.35 9.64
N ALA A 96 3.46 5.92 8.61
CA ALA A 96 2.24 5.18 8.83
C ALA A 96 2.52 3.82 9.47
N ARG A 97 3.53 3.13 8.95
CA ARG A 97 3.90 1.84 9.52
C ARG A 97 4.24 1.95 10.99
N ALA A 98 5.00 2.98 11.36
CA ALA A 98 5.54 3.18 12.69
C ALA A 98 4.56 3.89 13.62
N GLY A 99 3.39 4.26 13.15
CA GLY A 99 2.41 4.87 14.03
C GLY A 99 2.75 6.27 14.46
N GLN A 100 3.44 7.03 13.62
CA GLN A 100 3.92 8.36 13.98
C GLN A 100 2.91 9.39 13.53
N ASP A 101 1.92 9.63 14.38
CA ASP A 101 0.80 10.50 14.01
C ASP A 101 1.28 11.89 13.64
N ASP A 102 2.27 12.42 14.37
CA ASP A 102 2.73 13.79 14.10
C ASP A 102 3.46 13.86 12.76
N GLU A 103 4.31 12.88 12.46
CA GLU A 103 5.02 12.86 11.19
C GLU A 103 4.04 12.72 10.03
N VAL A 104 3.04 11.85 10.18
CA VAL A 104 2.00 11.72 9.15
C VAL A 104 1.35 13.08 8.87
N ARG A 105 1.02 13.81 9.94
CA ARG A 105 0.35 15.10 9.79
C ARG A 105 1.23 16.08 9.03
N ILE A 106 2.52 16.16 9.39
CA ILE A 106 3.44 17.06 8.70
C ILE A 106 3.59 16.66 7.24
N LEU A 107 3.75 15.36 6.97
CA LEU A 107 3.97 14.91 5.60
C LEU A 107 2.77 15.19 4.71
N MET A 108 1.56 14.98 5.22
CA MET A 108 0.38 15.29 4.42
C MET A 108 0.24 16.78 4.17
N ALA A 109 0.49 17.61 5.19
CA ALA A 109 0.47 19.05 4.99
C ALA A 109 1.51 19.45 3.96
N ASN A 110 2.61 18.71 3.86
CA ASN A 110 3.65 18.98 2.88
C ASN A 110 3.36 18.34 1.54
N GLY A 111 2.17 17.76 1.36
CA GLY A 111 1.73 17.27 0.07
C GLY A 111 2.05 15.83 -0.24
N ALA A 112 2.47 15.04 0.74
CA ALA A 112 2.79 13.66 0.47
C ALA A 112 1.59 12.90 -0.07
N ASP A 113 1.87 11.95 -0.94
CA ASP A 113 0.83 11.20 -1.66
C ASP A 113 0.22 10.17 -0.73
N VAL A 114 -1.05 10.35 -0.36
CA VAL A 114 -1.66 9.45 0.61
C VAL A 114 -1.81 8.06 0.03
N ASN A 115 -1.69 7.92 -1.29
CA ASN A 115 -1.78 6.63 -1.97
C ASN A 115 -0.43 6.17 -2.52
N ALA A 116 0.67 6.62 -1.92
CA ALA A 116 1.99 6.11 -2.29
C ALA A 116 2.03 4.59 -2.07
N THR A 117 2.86 3.89 -2.85
CA THR A 117 3.03 2.46 -2.67
C THR A 117 4.50 2.11 -2.45
N ASP A 118 4.74 1.07 -1.65
CA ASP A 118 6.08 0.53 -1.43
C ASP A 118 6.37 -0.56 -2.46
N ASN A 119 7.46 -1.31 -2.25
CA ASN A 119 7.88 -2.35 -3.19
C ASN A 119 6.87 -3.48 -3.30
N ASP A 120 6.02 -3.66 -2.30
CA ASP A 120 5.04 -4.74 -2.31
C ASP A 120 3.65 -4.28 -2.74
N GLY A 121 3.47 -3.02 -3.10
CA GLY A 121 2.15 -2.50 -3.40
C GLY A 121 1.38 -2.01 -2.19
N TYR A 122 1.98 -2.03 -1.01
CA TYR A 122 1.30 -1.57 0.19
C TYR A 122 1.29 -0.05 0.23
N THR A 123 0.13 0.50 0.59
CA THR A 123 -0.06 1.93 0.75
C THR A 123 0.08 2.30 2.23
N PRO A 124 0.09 3.60 2.53
CA PRO A 124 0.10 4.00 3.95
C PRO A 124 -1.07 3.41 4.72
N LEU A 125 -2.24 3.32 4.08
CA LEU A 125 -3.40 2.76 4.76
C LEU A 125 -3.18 1.28 5.05
N HIS A 126 -2.61 0.53 4.09
CA HIS A 126 -2.30 -0.88 4.37
C HIS A 126 -1.42 -0.99 5.62
N LEU A 127 -0.37 -0.17 5.69
CA LEU A 127 0.62 -0.30 6.75
C LEU A 127 0.06 0.12 8.11
N ALA A 128 -0.70 1.20 8.15
CA ALA A 128 -1.31 1.59 9.40
C ALA A 128 -2.32 0.53 9.85
N ALA A 129 -3.08 -0.03 8.90
CA ALA A 129 -4.07 -1.05 9.26
C ALA A 129 -3.38 -2.30 9.79
N SER A 130 -2.32 -2.75 9.13
CA SER A 130 -1.62 -3.96 9.54
C SER A 130 -0.96 -3.81 10.90
N ASN A 131 -0.53 -2.59 11.25
CA ASN A 131 0.20 -2.35 12.49
C ASN A 131 -0.67 -1.76 13.58
N GLY A 132 -1.97 -1.65 13.36
CA GLY A 132 -2.87 -1.28 14.42
C GLY A 132 -3.00 0.18 14.74
N HIS A 133 -2.65 1.07 13.81
CA HIS A 133 -2.58 2.51 14.09
C HIS A 133 -3.88 3.17 13.66
N LEU A 134 -4.85 3.13 14.57
CA LEU A 134 -6.21 3.53 14.26
C LEU A 134 -6.31 5.01 13.91
N GLU A 135 -5.65 5.89 14.66
CA GLU A 135 -5.75 7.31 14.36
C GLU A 135 -5.22 7.62 12.97
N ILE A 136 -4.12 6.99 12.58
CA ILE A 136 -3.56 7.18 11.26
C ILE A 136 -4.51 6.67 10.19
N VAL A 137 -5.10 5.49 10.40
CA VAL A 137 -6.11 4.99 9.47
C VAL A 137 -7.19 6.05 9.24
N GLU A 138 -7.69 6.62 10.33
CA GLU A 138 -8.75 7.61 10.23
C GLU A 138 -8.31 8.86 9.48
N VAL A 139 -7.12 9.35 9.76
CA VAL A 139 -6.66 10.57 9.10
C VAL A 139 -6.41 10.31 7.61
N LEU A 140 -5.84 9.17 7.26
CA LEU A 140 -5.63 8.86 5.85
C LEU A 140 -6.96 8.78 5.10
N LEU A 141 -7.94 8.11 5.68
CA LEU A 141 -9.24 7.99 5.03
C LEU A 141 -9.91 9.35 4.86
N LYS A 142 -9.88 10.19 5.90
CA LYS A 142 -10.46 11.53 5.81
C LYS A 142 -9.85 12.32 4.68
N ASN A 143 -8.59 12.05 4.35
CA ASN A 143 -7.83 12.80 3.37
C ASN A 143 -7.66 12.06 2.07
N GLY A 144 -8.54 11.12 1.78
CA GLY A 144 -8.66 10.58 0.45
C GLY A 144 -7.92 9.31 0.16
N ALA A 145 -7.41 8.61 1.17
CA ALA A 145 -6.77 7.34 0.91
C ALA A 145 -7.78 6.37 0.32
N ASP A 146 -7.32 5.58 -0.66
CA ASP A 146 -8.13 4.56 -1.29
C ASP A 146 -8.36 3.38 -0.37
N VAL A 147 -9.60 3.24 0.11
CA VAL A 147 -9.92 2.22 1.10
C VAL A 147 -9.79 0.83 0.52
N ASN A 148 -9.88 0.69 -0.81
CA ASN A 148 -9.86 -0.60 -1.47
C ASN A 148 -8.61 -0.83 -2.32
N ALA A 149 -7.54 -0.09 -2.04
CA ALA A 149 -6.30 -0.29 -2.78
C ALA A 149 -5.83 -1.72 -2.64
N SER A 150 -5.37 -2.31 -3.74
CA SER A 150 -4.98 -3.74 -3.77
C SER A 150 -3.47 -3.85 -4.05
N ASP A 151 -2.70 -4.44 -3.14
CA ASP A 151 -1.26 -4.59 -3.35
C ASP A 151 -0.99 -5.60 -4.46
N LEU A 152 0.28 -5.99 -4.61
CA LEU A 152 0.71 -6.80 -5.75
C LEU A 152 0.05 -8.17 -5.77
N THR A 153 -0.33 -8.70 -4.61
CA THR A 153 -0.94 -10.02 -4.51
C THR A 153 -2.44 -9.94 -4.30
N GLY A 154 -3.00 -8.74 -4.32
CA GLY A 154 -4.47 -8.61 -4.21
C GLY A 154 -4.93 -8.34 -2.79
N ILE A 155 -4.03 -8.06 -1.87
CA ILE A 155 -4.38 -7.78 -0.48
C ILE A 155 -4.83 -6.33 -0.35
N THR A 156 -5.96 -6.12 0.28
CA THR A 156 -6.49 -4.78 0.54
C THR A 156 -6.28 -4.40 2.00
N PRO A 157 -6.50 -3.13 2.36
CA PRO A 157 -6.38 -2.76 3.79
C PRO A 157 -7.26 -3.58 4.70
N LEU A 158 -8.43 -3.96 4.21
CA LEU A 158 -9.34 -4.76 5.02
C LEU A 158 -8.78 -6.16 5.25
N HIS A 159 -8.18 -6.76 4.23
CA HIS A 159 -7.51 -8.03 4.43
C HIS A 159 -6.46 -7.90 5.53
N ALA A 160 -5.68 -6.82 5.46
CA ALA A 160 -4.55 -6.67 6.37
C ALA A 160 -5.04 -6.50 7.81
N ALA A 161 -6.05 -5.68 8.01
CA ALA A 161 -6.59 -5.49 9.35
C ALA A 161 -7.25 -6.75 9.87
N ALA A 162 -7.89 -7.50 8.98
CA ALA A 162 -8.56 -8.72 9.42
C ALA A 162 -7.55 -9.78 9.81
N ALA A 163 -6.47 -9.90 9.03
CA ALA A 163 -5.46 -10.90 9.29
C ALA A 163 -4.72 -10.62 10.59
N THR A 164 -4.50 -9.36 10.91
CA THR A 164 -3.72 -8.96 12.07
C THR A 164 -4.55 -8.69 13.31
N GLY A 165 -5.87 -8.86 13.24
CA GLY A 165 -6.69 -8.85 14.44
C GLY A 165 -7.12 -7.49 14.94
N HIS A 166 -7.11 -6.45 14.09
CA HIS A 166 -7.39 -5.09 14.50
C HIS A 166 -8.86 -4.77 14.21
N LEU A 167 -9.69 -5.05 15.22
CA LEU A 167 -11.14 -5.00 15.04
C LEU A 167 -11.64 -3.59 14.80
N GLU A 168 -11.18 -2.62 15.58
CA GLU A 168 -11.66 -1.25 15.37
C GLU A 168 -11.30 -0.74 13.98
N ILE A 169 -10.11 -1.09 13.50
CA ILE A 169 -9.72 -0.71 12.14
C ILE A 169 -10.60 -1.40 11.11
N VAL A 170 -10.89 -2.69 11.29
CA VAL A 170 -11.81 -3.39 10.40
C VAL A 170 -13.12 -2.61 10.32
N GLU A 171 -13.65 -2.17 11.47
CA GLU A 171 -14.91 -1.45 11.49
C GLU A 171 -14.82 -0.13 10.73
N VAL A 172 -13.77 0.64 10.97
CA VAL A 172 -13.59 1.91 10.27
C VAL A 172 -13.45 1.71 8.77
N LEU A 173 -12.71 0.68 8.36
CA LEU A 173 -12.55 0.45 6.93
C LEU A 173 -13.89 0.12 6.30
N LEU A 174 -14.67 -0.77 6.94
CA LEU A 174 -15.99 -1.11 6.41
C LEU A 174 -16.89 0.11 6.33
N LYS A 175 -16.86 0.97 7.36
CA LYS A 175 -17.69 2.17 7.31
C LYS A 175 -17.29 3.11 6.18
N HIS A 176 -16.03 3.03 5.75
CA HIS A 176 -15.54 3.89 4.68
C HIS A 176 -15.58 3.21 3.32
N GLY A 177 -16.26 2.08 3.21
CA GLY A 177 -16.57 1.48 1.94
C GLY A 177 -15.71 0.32 1.53
N ALA A 178 -14.95 -0.26 2.45
CA ALA A 178 -14.10 -1.39 2.10
C ALA A 178 -14.96 -2.54 1.58
N ASP A 179 -14.45 -3.21 0.55
CA ASP A 179 -15.11 -4.35 -0.06
C ASP A 179 -14.93 -5.56 0.83
N VAL A 180 -16.01 -5.97 1.49
CA VAL A 180 -15.97 -7.10 2.41
C VAL A 180 -15.63 -8.41 1.74
N ASN A 181 -15.85 -8.53 0.43
CA ASN A 181 -15.62 -9.78 -0.28
C ASN A 181 -14.49 -9.67 -1.31
N ALA A 182 -13.57 -8.74 -1.10
CA ALA A 182 -12.43 -8.65 -1.99
C ALA A 182 -11.61 -9.91 -1.85
N TYR A 183 -11.08 -10.43 -2.96
CA TYR A 183 -10.27 -11.63 -2.91
C TYR A 183 -8.87 -11.36 -3.46
N ASP A 184 -7.88 -11.97 -2.82
CA ASP A 184 -6.50 -11.82 -3.27
C ASP A 184 -6.17 -12.89 -4.30
N ASN A 185 -4.89 -12.99 -4.65
CA ASN A 185 -4.45 -13.86 -5.73
C ASN A 185 -4.61 -15.34 -5.39
N ASP A 186 -4.74 -15.68 -4.12
CA ASP A 186 -5.01 -17.05 -3.71
C ASP A 186 -6.48 -17.29 -3.46
N GLY A 187 -7.35 -16.33 -3.82
CA GLY A 187 -8.76 -16.48 -3.58
C GLY A 187 -9.18 -16.25 -2.15
N HIS A 188 -8.34 -15.60 -1.35
CA HIS A 188 -8.68 -15.35 0.03
C HIS A 188 -9.38 -14.02 0.21
N THR A 189 -10.49 -14.06 0.91
CA THR A 189 -11.23 -12.88 1.32
C THR A 189 -10.78 -12.50 2.72
N PRO A 190 -11.21 -11.35 3.21
CA PRO A 190 -10.88 -11.00 4.61
C PRO A 190 -11.36 -12.07 5.57
N LEU A 191 -12.52 -12.65 5.31
CA LEU A 191 -13.04 -13.70 6.19
C LEU A 191 -12.10 -14.89 6.26
N HIS A 192 -11.57 -15.33 5.11
CA HIS A 192 -10.59 -16.43 5.12
C HIS A 192 -9.40 -16.09 6.02
N LEU A 193 -8.91 -14.86 5.98
CA LEU A 193 -7.71 -14.51 6.74
C LEU A 193 -8.03 -14.42 8.23
N ALA A 194 -9.20 -13.87 8.57
CA ALA A 194 -9.60 -13.84 9.96
C ALA A 194 -9.74 -15.26 10.51
N ALA A 195 -10.27 -16.17 9.69
CA ALA A 195 -10.39 -17.57 10.09
C ALA A 195 -9.02 -18.23 10.30
N LYS A 196 -8.07 -17.95 9.41
CA LYS A 196 -6.75 -18.53 9.49
C LYS A 196 -6.04 -18.11 10.77
N TYR A 197 -6.18 -16.85 11.17
CA TYR A 197 -5.48 -16.31 12.33
C TYR A 197 -6.33 -16.28 13.58
N GLY A 198 -7.52 -16.87 13.55
CA GLY A 198 -8.27 -17.11 14.77
C GLY A 198 -8.99 -15.91 15.36
N HIS A 199 -9.37 -14.94 14.53
CA HIS A 199 -9.91 -13.67 15.03
C HIS A 199 -11.44 -13.75 15.01
N LEU A 200 -11.99 -14.26 16.11
CA LEU A 200 -13.41 -14.55 16.21
C LEU A 200 -14.25 -13.29 16.09
N GLU A 201 -13.88 -12.25 16.82
CA GLU A 201 -14.68 -11.03 16.83
C GLU A 201 -14.69 -10.38 15.45
N ILE A 202 -13.57 -10.47 14.73
CA ILE A 202 -13.51 -9.95 13.37
C ILE A 202 -14.40 -10.76 12.44
N VAL A 203 -14.37 -12.09 12.55
CA VAL A 203 -15.28 -12.91 11.76
C VAL A 203 -16.70 -12.43 11.93
N GLU A 204 -17.12 -12.21 13.18
CA GLU A 204 -18.49 -11.79 13.43
C GLU A 204 -18.80 -10.47 12.76
N VAL A 205 -17.90 -9.50 12.81
CA VAL A 205 -18.19 -8.21 12.19
CA VAL A 205 -18.15 -8.21 12.17
C VAL A 205 -18.23 -8.36 10.67
N LEU A 206 -17.34 -9.17 10.11
CA LEU A 206 -17.35 -9.34 8.66
C LEU A 206 -18.66 -9.98 8.20
N LEU A 207 -19.14 -10.97 8.95
CA LEU A 207 -20.40 -11.62 8.60
C LEU A 207 -21.57 -10.64 8.67
N LYS A 208 -21.58 -9.76 9.68
CA LYS A 208 -22.65 -8.79 9.82
C LYS A 208 -22.65 -7.79 8.67
N HIS A 209 -21.50 -7.59 8.04
CA HIS A 209 -21.35 -6.66 6.93
C HIS A 209 -21.39 -7.34 5.57
N GLY A 210 -21.90 -8.57 5.51
CA GLY A 210 -22.18 -9.20 4.25
C GLY A 210 -21.10 -10.09 3.70
N ALA A 211 -20.12 -10.49 4.50
CA ALA A 211 -19.12 -11.42 4.02
C ALA A 211 -19.78 -12.70 3.52
N ASP A 212 -19.29 -13.20 2.40
CA ASP A 212 -19.77 -14.44 1.82
C ASP A 212 -19.13 -15.62 2.56
N VAL A 213 -19.93 -16.28 3.40
CA VAL A 213 -19.38 -17.37 4.20
C VAL A 213 -18.97 -18.57 3.35
N ASN A 214 -19.49 -18.67 2.13
CA ASN A 214 -19.23 -19.78 1.24
C ASN A 214 -18.13 -19.52 0.21
N ALA A 215 -17.45 -18.39 0.29
CA ALA A 215 -16.35 -18.12 -0.63
C ALA A 215 -15.30 -19.20 -0.50
N GLN A 216 -14.78 -19.66 -1.63
CA GLN A 216 -13.83 -20.76 -1.68
C GLN A 216 -12.51 -20.24 -2.26
N ASP A 217 -11.39 -20.59 -1.62
CA ASP A 217 -10.08 -20.13 -2.08
C ASP A 217 -9.59 -21.02 -3.23
N LYS A 218 -8.39 -20.71 -3.73
CA LYS A 218 -7.82 -21.42 -4.87
C LYS A 218 -7.45 -22.86 -4.52
N PHE A 219 -7.41 -23.20 -3.23
CA PHE A 219 -7.08 -24.55 -2.76
C PHE A 219 -8.32 -25.34 -2.43
N GLY A 220 -9.49 -24.82 -2.79
CA GLY A 220 -10.73 -25.53 -2.59
C GLY A 220 -11.32 -25.43 -1.21
N LYS A 221 -10.90 -24.44 -0.41
CA LYS A 221 -11.24 -24.36 1.00
C LYS A 221 -12.09 -23.13 1.27
N THR A 222 -13.04 -23.29 2.19
CA THR A 222 -13.81 -22.18 2.73
C THR A 222 -13.19 -21.72 4.05
N ALA A 223 -13.74 -20.62 4.57
CA ALA A 223 -13.33 -20.14 5.89
C ALA A 223 -13.57 -21.20 6.96
N PHE A 224 -14.67 -21.92 6.87
CA PHE A 224 -14.92 -23.01 7.81
C PHE A 224 -13.79 -24.04 7.75
N ASP A 225 -13.38 -24.43 6.55
CA ASP A 225 -12.30 -25.39 6.41
C ASP A 225 -11.01 -24.87 7.01
N ILE A 226 -10.71 -23.60 6.72
CA ILE A 226 -9.50 -22.93 7.21
C ILE A 226 -9.53 -22.88 8.72
N SER A 227 -10.70 -22.60 9.31
CA SER A 227 -10.81 -22.53 10.76
CA SER A 227 -10.78 -22.52 10.76
C SER A 227 -10.48 -23.87 11.40
N ILE A 228 -10.98 -24.95 10.81
CA ILE A 228 -10.70 -26.29 11.31
C ILE A 228 -9.21 -26.59 11.16
N ASP A 229 -8.67 -26.29 9.98
CA ASP A 229 -7.28 -26.62 9.68
C ASP A 229 -6.35 -25.97 10.69
N ASN A 230 -6.73 -24.81 11.22
CA ASN A 230 -5.92 -24.02 12.13
C ASN A 230 -6.34 -24.17 13.59
N GLY A 231 -7.16 -25.17 13.89
CA GLY A 231 -7.54 -25.43 15.27
C GLY A 231 -8.39 -24.37 15.92
N ASN A 232 -9.08 -23.57 15.13
CA ASN A 232 -9.93 -22.49 15.63
C ASN A 232 -11.37 -22.99 15.70
N GLU A 233 -11.60 -23.87 16.68
CA GLU A 233 -12.89 -24.53 16.80
C GLU A 233 -14.00 -23.57 17.20
N ASP A 234 -13.69 -22.56 18.01
CA ASP A 234 -14.69 -21.56 18.36
C ASP A 234 -15.19 -20.84 17.10
N LEU A 235 -14.26 -20.54 16.18
CA LEU A 235 -14.64 -19.89 14.93
C LEU A 235 -15.49 -20.82 14.08
N ALA A 236 -15.07 -22.08 13.95
CA ALA A 236 -15.87 -23.03 13.19
C ALA A 236 -17.28 -23.09 13.74
N GLU A 237 -17.42 -23.01 15.07
CA GLU A 237 -18.75 -23.03 15.66
C GLU A 237 -19.58 -21.85 15.16
N ILE A 238 -19.03 -20.64 15.24
CA ILE A 238 -19.76 -19.46 14.77
C ILE A 238 -20.05 -19.57 13.28
N LEU A 239 -19.16 -20.20 12.51
CA LEU A 239 -19.37 -20.29 11.08
C LEU A 239 -20.47 -21.30 10.74
N GLN A 240 -20.56 -22.39 11.50
CA GLN A 240 -21.63 -23.36 11.29
C GLN A 240 -22.98 -22.68 11.44
N LYS A 241 -23.30 -22.24 12.66
CA LYS A 241 -24.56 -21.58 12.95
C LYS A 241 -24.66 -20.28 12.16
C1 EDO B . 3.83 7.98 -23.76
C2 EDO B . 2.73 8.26 -22.75
O2 EDO B . 2.36 7.06 -22.05
H11 EDO B . 4.72 8.57 -23.51
H12 EDO B . 3.50 8.27 -24.76
H21 EDO B . 1.85 8.67 -23.26
H22 EDO B . 3.06 9.00 -22.03
HO2 EDO B . 1.66 7.25 -21.41
C1 EDO C . -9.49 -3.56 -5.43
C2 EDO C . -10.22 -4.20 -4.26
O2 EDO C . -10.52 -5.57 -4.57
H11 EDO C . -9.73 -4.09 -6.35
H12 EDO C . -8.42 -3.62 -5.27
H21 EDO C . -11.15 -3.66 -4.04
H22 EDO C . -9.59 -4.17 -3.36
HO2 EDO C . -11.09 -5.94 -3.89
C1 EDO D . -16.66 -7.91 -4.53
C2 EDO D . -15.39 -8.70 -4.72
O2 EDO D . -14.74 -8.45 -5.94
H21 EDO D . -15.60 -9.65 -4.65
H22 EDO D . -14.78 -8.48 -3.98
HO2 EDO D . -14.04 -8.92 -5.98
C1 EDO E . -24.93 -11.88 3.58
C2 EDO E . -24.68 -12.92 2.54
O2 EDO E . -23.51 -12.73 1.73
H11 EDO E . -25.16 -12.32 4.43
H12 EDO E . -24.10 -11.38 3.73
H21 EDO E . -25.46 -12.95 1.94
H22 EDO E . -24.61 -13.79 2.98
HO2 EDO E . -23.33 -13.46 1.32
C1 EDO F . 8.81 12.61 8.20
O1 EDO F . 9.14 11.47 8.98
H11 EDO F . 8.77 12.34 7.26
H12 EDO F . 7.93 12.94 8.46
HO1 EDO F . 8.48 11.26 9.49
C1 EDO G . 10.51 25.59 -19.10
O1 EDO G . 11.92 25.52 -19.38
H11 EDO G . 10.16 26.42 -19.47
H12 EDO G . 10.07 24.84 -19.53
HO1 EDO G . 12.19 24.72 -19.60
C1 EDO H . -1.68 -11.32 5.72
O1 EDO H . -1.19 -10.16 6.44
H11 EDO H . -2.32 -11.02 5.04
H12 EDO H . -2.16 -11.91 6.34
HO1 EDO H . -1.82 -9.80 6.87
CL CL I . 4.47 11.97 -2.12
CL CL J . -15.98 -18.81 -4.17
CL CL K . -14.43 -14.85 -3.78
CL CL L . 14.68 16.97 -1.07
K K M . -1.76 -0.66 -4.01
#